data_3UDA
#
_entry.id   3UDA
#
_cell.length_a   113.630
_cell.length_b   45.981
_cell.length_c   96.558
_cell.angle_alpha   90.00
_cell.angle_beta   125.68
_cell.angle_gamma   90.00
#
_symmetry.space_group_name_H-M   'C 1 2 1'
#
loop_
_entity.id
_entity.type
_entity.pdbx_description
1 polymer 'Heparin-binding growth factor 1'
2 branched '2-deoxy-3,6-di-O-sulfo-2-(sulfoamino)-alpha-D-glucopyranose-(1-4)-1-O-methyl-2-O-sulfo-alpha-L-idopyranuronic acid'
3 non-polymer 'PHOSPHATE ION'
4 water water
#
_entity_poly.entity_id   1
_entity_poly.type   'polypeptide(L)'
_entity_poly.pdbx_seq_one_letter_code
;MFNLPPGNYKKPKLLYCSNGGHFLRILPDGTVDGTRDRSDQHIQLQLSAESVGEVYIKSTETGQYLAMDTDGLLYGSQTP
NEECLFLERLEENHYNTYISKKHAEKNWFVGLKKNGSCKRGPRTHYGQKAILFLPLPVSSD
;
_entity_poly.pdbx_strand_id   A,B,C
#
# COMPACT_ATOMS: atom_id res chain seq x y z
N PRO A 12 14.61 -24.60 26.90
CA PRO A 12 13.96 -23.34 26.54
C PRO A 12 14.05 -23.14 25.02
N LYS A 13 13.14 -22.35 24.44
CA LYS A 13 13.08 -22.24 22.97
C LYS A 13 12.43 -20.98 22.42
N LEU A 14 12.65 -20.78 21.13
CA LEU A 14 11.98 -19.73 20.36
C LEU A 14 10.77 -20.32 19.69
N LEU A 15 9.73 -19.50 19.51
CA LEU A 15 8.52 -19.86 18.80
C LEU A 15 8.28 -18.89 17.67
N TYR A 16 8.51 -19.38 16.45
CA TYR A 16 8.50 -18.56 15.27
C TYR A 16 7.19 -18.75 14.51
N CYS A 17 6.49 -17.66 14.33
CA CYS A 17 5.22 -17.65 13.63
C CYS A 17 5.40 -17.53 12.07
N SER A 18 4.70 -18.34 11.27
CA SER A 18 4.68 -18.11 9.81
C SER A 18 4.02 -16.79 9.39
N ASN A 19 3.02 -16.33 10.13
CA ASN A 19 2.43 -15.04 9.76
C ASN A 19 3.42 -13.90 10.12
N GLY A 20 4.02 -13.33 9.10
CA GLY A 20 5.00 -12.26 9.32
C GLY A 20 6.38 -12.67 9.82
N GLY A 21 6.56 -13.94 10.19
CA GLY A 21 7.90 -14.41 10.62
C GLY A 21 8.41 -13.70 11.89
N HIS A 22 7.66 -13.84 12.98
CA HIS A 22 8.00 -13.20 14.21
C HIS A 22 8.10 -14.28 15.27
N PHE A 23 9.12 -14.12 16.10
CA PHE A 23 9.21 -14.83 17.33
C PHE A 23 8.17 -14.28 18.32
N LEU A 24 7.39 -15.21 18.86
CA LEU A 24 6.43 -14.89 19.89
C LEU A 24 7.19 -14.24 21.08
N ARG A 25 6.65 -13.15 21.59
CA ARG A 25 7.39 -12.41 22.57
C ARG A 25 6.50 -11.86 23.63
N ILE A 26 6.88 -12.10 24.88
CA ILE A 26 6.12 -11.59 26.03
C ILE A 26 6.93 -10.53 26.67
N LEU A 27 6.42 -9.32 26.57
CA LEU A 27 7.12 -8.17 27.09
C LEU A 27 6.72 -8.01 28.53
N PRO A 28 7.61 -7.47 29.37
CA PRO A 28 7.46 -7.36 30.84
C PRO A 28 6.18 -6.68 31.31
N ASP A 29 5.66 -5.74 30.52
CA ASP A 29 4.39 -5.14 30.80
C ASP A 29 3.25 -6.06 30.39
N GLY A 30 3.56 -7.33 30.14
CA GLY A 30 2.53 -8.31 29.86
C GLY A 30 1.87 -8.09 28.52
N THR A 31 2.53 -7.34 27.64
CA THR A 31 2.11 -7.22 26.25
C THR A 31 2.67 -8.36 25.38
N VAL A 32 1.80 -8.98 24.62
CA VAL A 32 2.24 -10.11 23.76
C VAL A 32 2.21 -9.69 22.31
N ASP A 33 3.33 -9.94 21.62
CA ASP A 33 3.39 -9.77 20.18
C ASP A 33 4.45 -10.63 19.50
N GLY A 34 4.75 -10.27 18.26
CA GLY A 34 5.89 -10.77 17.58
C GLY A 34 6.97 -9.73 17.41
N THR A 35 8.17 -10.22 17.13
CA THR A 35 9.29 -9.41 16.71
C THR A 35 10.04 -10.23 15.64
N ARG A 36 10.32 -9.57 14.51
CA ARG A 36 11.08 -10.17 13.41
C ARG A 36 12.54 -10.25 13.83
N ASP A 37 12.84 -9.74 15.01
CA ASP A 37 14.20 -9.36 15.43
C ASP A 37 14.58 -10.20 16.63
N ARG A 38 15.56 -11.10 16.46
CA ARG A 38 15.96 -12.02 17.55
C ARG A 38 17.05 -11.49 18.46
N SER A 39 17.41 -12.29 19.45
CA SER A 39 18.15 -11.78 20.62
C SER A 39 17.36 -10.64 21.30
N ASP A 40 16.02 -10.73 21.26
CA ASP A 40 15.16 -9.69 21.84
C ASP A 40 14.79 -10.10 23.25
N GLN A 41 15.77 -10.64 23.97
CA GLN A 41 15.60 -11.01 25.38
C GLN A 41 14.28 -11.70 25.75
N HIS A 42 13.15 -11.25 25.18
CA HIS A 42 11.80 -11.68 25.64
C HIS A 42 11.09 -12.57 24.64
N ILE A 43 11.88 -13.20 23.76
CA ILE A 43 11.39 -14.25 22.88
C ILE A 43 11.81 -15.64 23.33
N GLN A 44 12.60 -15.75 24.40
CA GLN A 44 13.08 -17.05 24.89
C GLN A 44 12.07 -17.63 25.83
N LEU A 45 11.47 -18.74 25.41
CA LEU A 45 10.32 -19.28 26.09
C LEU A 45 10.58 -20.62 26.69
N GLN A 46 9.97 -20.87 27.85
CA GLN A 46 10.03 -22.18 28.45
C GLN A 46 8.66 -22.90 28.45
N LEU A 47 8.59 -24.06 27.78
CA LEU A 47 7.36 -24.89 27.72
C LEU A 47 7.44 -26.13 28.61
N SER A 48 6.59 -26.15 29.63
CA SER A 48 6.53 -27.24 30.60
C SER A 48 5.18 -27.95 30.51
N ALA A 49 5.22 -29.27 30.37
CA ALA A 49 4.00 -30.06 30.22
C ALA A 49 3.36 -30.43 31.57
N GLU A 50 2.21 -29.81 31.87
CA GLU A 50 1.37 -30.20 33.03
C GLU A 50 0.72 -31.59 32.88
N SER A 51 0.20 -31.92 31.69
CA SER A 51 -0.12 -33.32 31.33
C SER A 51 0.07 -33.54 29.83
N VAL A 52 -0.14 -34.76 29.37
CA VAL A 52 0.07 -35.04 27.95
C VAL A 52 -0.70 -34.02 27.07
N GLY A 53 0.05 -33.22 26.30
CA GLY A 53 -0.54 -32.27 25.36
C GLY A 53 -0.96 -30.90 25.90
N GLU A 54 -0.80 -30.66 27.21
CA GLU A 54 -1.15 -29.35 27.81
C GLU A 54 0.06 -28.66 28.35
N VAL A 55 0.35 -27.46 27.83
CA VAL A 55 1.59 -26.75 28.18
C VAL A 55 1.39 -25.39 28.82
N TYR A 56 2.42 -24.98 29.55
CA TYR A 56 2.57 -23.60 30.00
C TYR A 56 3.59 -22.98 29.08
N ILE A 57 3.41 -21.72 28.74
CA ILE A 57 4.46 -20.98 28.06
C ILE A 57 4.95 -19.85 28.91
N LYS A 58 6.17 -20.01 29.39
CA LYS A 58 6.79 -19.11 30.33
C LYS A 58 7.97 -18.37 29.72
N SER A 59 8.02 -17.06 29.93
CA SER A 59 9.19 -16.24 29.59
C SER A 59 10.32 -16.50 30.56
N THR A 60 11.48 -16.85 30.00
CA THR A 60 12.68 -17.13 30.77
C THR A 60 13.36 -15.84 31.16
N GLU A 61 12.83 -14.71 30.69
CA GLU A 61 13.35 -13.42 31.15
C GLU A 61 12.50 -12.82 32.29
N THR A 62 11.20 -12.66 32.05
CA THR A 62 10.32 -11.99 32.96
C THR A 62 9.60 -12.99 33.82
N GLY A 63 9.79 -14.28 33.46
CA GLY A 63 9.09 -15.42 34.09
C GLY A 63 7.58 -15.38 34.01
N GLN A 64 7.03 -14.54 33.13
CA GLN A 64 5.57 -14.43 32.94
C GLN A 64 5.06 -15.51 32.01
N TYR A 65 3.79 -15.87 32.21
CA TYR A 65 3.19 -16.96 31.53
C TYR A 65 2.27 -16.42 30.45
N LEU A 66 2.34 -16.98 29.23
CA LEU A 66 1.36 -16.69 28.16
C LEU A 66 -0.05 -17.01 28.66
N ALA A 67 -1.02 -16.19 28.26
CA ALA A 67 -2.38 -16.37 28.71
C ALA A 67 -3.32 -15.65 27.77
N MET A 68 -4.58 -16.13 27.73
CA MET A 68 -5.66 -15.56 26.92
C MET A 68 -6.78 -15.12 27.81
N ASP A 69 -7.23 -13.88 27.65
CA ASP A 69 -8.36 -13.41 28.49
C ASP A 69 -9.67 -13.78 27.80
N THR A 70 -10.81 -13.45 28.41
CA THR A 70 -12.10 -13.97 27.97
C THR A 70 -12.55 -13.37 26.65
N ASP A 71 -11.83 -12.34 26.22
CA ASP A 71 -12.14 -11.67 24.95
C ASP A 71 -11.32 -12.23 23.78
N GLY A 72 -10.33 -13.06 24.09
CA GLY A 72 -9.46 -13.66 23.05
C GLY A 72 -8.09 -13.00 22.91
N LEU A 73 -7.77 -12.09 23.82
CA LEU A 73 -6.60 -11.26 23.68
C LEU A 73 -5.46 -11.79 24.51
N LEU A 74 -4.43 -12.26 23.82
CA LEU A 74 -3.21 -12.75 24.43
C LEU A 74 -2.62 -11.70 25.39
N TYR A 75 -2.01 -12.17 26.48
CA TYR A 75 -1.29 -11.31 27.41
C TYR A 75 -0.39 -12.20 28.26
N GLY A 76 0.70 -11.65 28.79
CA GLY A 76 1.57 -12.39 29.72
C GLY A 76 1.17 -12.17 31.18
N SER A 77 1.24 -13.23 31.97
CA SER A 77 0.67 -13.22 33.29
C SER A 77 1.71 -13.61 34.32
N GLN A 78 1.65 -12.96 35.48
CA GLN A 78 2.66 -13.19 36.51
C GLN A 78 2.38 -14.36 37.40
N THR A 79 1.16 -14.87 37.35
CA THR A 79 0.88 -16.07 38.09
C THR A 79 0.21 -17.10 37.19
N PRO A 80 0.75 -18.34 37.17
CA PRO A 80 0.28 -19.44 36.31
C PRO A 80 -1.09 -19.94 36.73
N ASN A 81 -2.09 -19.79 35.87
CA ASN A 81 -3.43 -20.33 36.17
C ASN A 81 -4.22 -20.85 34.95
N GLU A 82 -5.52 -21.09 35.18
CA GLU A 82 -6.47 -21.50 34.15
C GLU A 82 -6.25 -20.85 32.77
N GLU A 83 -5.91 -19.57 32.76
CA GLU A 83 -5.73 -18.88 31.50
C GLU A 83 -4.40 -19.17 30.80
N CYS A 84 -3.45 -19.72 31.55
CA CYS A 84 -2.13 -20.06 31.00
C CYS A 84 -1.97 -21.45 30.40
N LEU A 85 -2.95 -22.33 30.52
CA LEU A 85 -2.81 -23.64 29.87
C LEU A 85 -3.20 -23.64 28.37
N PHE A 86 -2.46 -24.38 27.56
CA PHE A 86 -2.70 -24.42 26.12
C PHE A 86 -2.54 -25.82 25.65
N LEU A 87 -3.51 -26.30 24.91
CA LEU A 87 -3.37 -27.62 24.34
C LEU A 87 -2.43 -27.49 23.16
N GLU A 88 -1.47 -28.40 23.08
CA GLU A 88 -0.42 -28.36 22.07
C GLU A 88 -0.58 -29.52 21.10
N ARG A 89 -0.60 -29.20 19.81
CA ARG A 89 -0.85 -30.16 18.76
C ARG A 89 0.28 -30.08 17.74
N LEU A 90 0.93 -31.20 17.48
CA LEU A 90 2.05 -31.20 16.53
C LEU A 90 1.58 -31.30 15.09
N GLU A 91 1.98 -30.33 14.28
CA GLU A 91 1.51 -30.22 12.88
C GLU A 91 2.39 -30.92 11.86
N GLU A 92 2.30 -30.45 10.62
CA GLU A 92 2.48 -31.28 9.45
C GLU A 92 3.91 -31.63 8.98
N ASN A 93 4.71 -30.72 8.39
CA ASN A 93 4.76 -29.23 8.61
C ASN A 93 5.78 -28.90 9.68
N HIS A 94 5.79 -29.71 10.75
CA HIS A 94 6.78 -29.58 11.81
C HIS A 94 6.47 -28.38 12.74
N TYR A 95 5.45 -27.60 12.36
CA TYR A 95 4.93 -26.54 13.20
C TYR A 95 4.03 -27.03 14.35
N ASN A 96 3.59 -26.12 15.19
CA ASN A 96 2.77 -26.44 16.37
C ASN A 96 1.61 -25.44 16.45
N THR A 97 0.47 -25.88 16.99
CA THR A 97 -0.61 -24.94 17.30
C THR A 97 -0.89 -24.94 18.75
N TYR A 98 -1.41 -23.86 19.26
CA TYR A 98 -1.66 -23.74 20.68
C TYR A 98 -3.07 -23.25 20.92
N ILE A 99 -3.88 -24.09 21.55
CA ILE A 99 -5.26 -23.74 21.83
C ILE A 99 -5.52 -23.47 23.31
N SER A 100 -6.17 -22.36 23.58
CA SER A 100 -6.47 -21.95 24.92
C SER A 100 -7.35 -22.93 25.65
N LYS A 101 -6.75 -23.75 26.49
CA LYS A 101 -7.51 -24.74 27.25
C LYS A 101 -8.82 -24.16 27.80
N LYS A 102 -8.74 -23.05 28.56
CA LYS A 102 -9.96 -22.44 29.14
C LYS A 102 -11.02 -22.13 28.09
N HIS A 103 -10.58 -21.70 26.91
CA HIS A 103 -11.51 -21.37 25.84
C HIS A 103 -11.46 -22.33 24.67
N ALA A 104 -11.06 -23.58 24.94
CA ALA A 104 -10.86 -24.61 23.89
C ALA A 104 -12.10 -24.99 23.10
N GLU A 105 -13.21 -25.15 23.79
CA GLU A 105 -14.48 -25.55 23.15
C GLU A 105 -15.08 -24.44 22.25
N LYS A 106 -14.34 -23.32 22.14
CA LYS A 106 -14.64 -22.23 21.22
C LYS A 106 -13.60 -22.20 20.11
N ASN A 107 -12.52 -22.97 20.29
CA ASN A 107 -11.49 -23.09 19.26
C ASN A 107 -10.63 -21.82 19.16
N TRP A 108 -10.28 -21.22 20.30
CA TRP A 108 -9.38 -20.07 20.28
C TRP A 108 -7.90 -20.49 20.31
N PHE A 109 -7.17 -20.14 19.26
CA PHE A 109 -5.76 -20.40 19.15
C PHE A 109 -4.95 -19.15 19.56
N VAL A 110 -3.69 -19.38 19.93
CA VAL A 110 -2.71 -18.35 19.94
C VAL A 110 -2.40 -18.00 18.48
N GLY A 111 -2.37 -16.69 18.17
CA GLY A 111 -2.06 -16.27 16.79
C GLY A 111 -1.43 -14.91 16.69
N LEU A 112 -0.58 -14.72 15.67
CA LEU A 112 -0.06 -13.35 15.38
C LEU A 112 -0.44 -12.89 14.01
N LYS A 113 -0.77 -11.59 13.90
CA LYS A 113 -1.00 -10.90 12.59
C LYS A 113 0.34 -10.63 11.84
N LYS A 114 0.28 -10.20 10.57
CA LYS A 114 1.51 -9.98 9.82
C LYS A 114 2.36 -8.85 10.36
N ASN A 115 1.76 -7.87 11.02
CA ASN A 115 2.55 -6.88 11.80
C ASN A 115 3.15 -7.44 13.09
N GLY A 116 2.87 -8.71 13.39
CA GLY A 116 3.34 -9.35 14.61
C GLY A 116 2.55 -8.85 15.81
N SER A 117 1.28 -8.57 15.59
CA SER A 117 0.43 -8.06 16.61
C SER A 117 -0.54 -9.17 16.92
N CYS A 118 -0.99 -9.24 18.17
CA CYS A 118 -1.85 -10.33 18.61
C CYS A 118 -3.02 -10.50 17.65
N LYS A 119 -3.34 -11.75 17.31
CA LYS A 119 -4.60 -12.08 16.64
C LYS A 119 -5.53 -12.74 17.67
N ARG A 120 -6.59 -12.03 18.05
CA ARG A 120 -7.48 -12.51 19.10
C ARG A 120 -8.12 -13.84 18.71
N GLY A 121 -8.39 -14.67 19.70
CA GLY A 121 -8.95 -16.00 19.47
C GLY A 121 -10.06 -16.11 18.43
N PRO A 122 -11.17 -15.32 18.60
CA PRO A 122 -12.37 -15.33 17.72
C PRO A 122 -12.06 -15.28 16.22
N ARG A 123 -10.93 -14.70 15.84
CA ARG A 123 -10.60 -14.49 14.44
C ARG A 123 -9.64 -15.56 13.97
N THR A 124 -9.03 -16.28 14.91
CA THR A 124 -8.08 -17.32 14.51
C THR A 124 -8.89 -18.47 14.02
N HIS A 125 -8.27 -19.33 13.22
CA HIS A 125 -8.99 -20.49 12.69
C HIS A 125 -8.00 -21.41 12.07
N TYR A 126 -8.21 -22.70 12.23
CA TYR A 126 -7.34 -23.65 11.52
C TYR A 126 -7.20 -23.38 10.00
N GLY A 127 -5.96 -23.49 9.51
CA GLY A 127 -5.63 -23.20 8.13
C GLY A 127 -4.96 -21.84 7.98
N GLN A 128 -5.15 -20.98 8.97
CA GLN A 128 -4.47 -19.69 9.04
C GLN A 128 -2.95 -19.91 9.31
N LYS A 129 -2.11 -19.15 8.65
CA LYS A 129 -0.72 -19.17 9.04
C LYS A 129 -0.49 -18.44 10.37
N ALA A 130 -1.46 -17.64 10.79
CA ALA A 130 -1.31 -16.83 12.01
C ALA A 130 -1.05 -17.73 13.22
N ILE A 131 -1.65 -18.91 13.21
CA ILE A 131 -1.64 -19.80 14.37
C ILE A 131 -0.51 -20.80 14.41
N LEU A 132 0.35 -20.83 13.36
CA LEU A 132 1.48 -21.79 13.26
C LEU A 132 2.84 -21.32 13.86
N PHE A 133 3.39 -22.07 14.82
CA PHE A 133 4.63 -21.75 15.46
C PHE A 133 5.64 -22.87 15.44
N LEU A 134 6.88 -22.55 15.05
CA LEU A 134 8.02 -23.49 15.06
C LEU A 134 8.76 -23.48 16.40
N PRO A 135 8.82 -24.65 17.06
CA PRO A 135 9.68 -24.74 18.23
C PRO A 135 11.14 -24.77 17.80
N LEU A 136 11.96 -23.92 18.43
CA LEU A 136 13.38 -23.79 18.09
C LEU A 136 14.23 -23.58 19.34
N PRO A 137 15.18 -24.51 19.59
CA PRO A 137 16.24 -24.39 20.62
C PRO A 137 17.02 -23.08 20.53
N PRO B 12 17.11 4.14 -5.65
CA PRO B 12 17.17 4.27 -4.18
C PRO B 12 16.69 5.66 -3.72
N LYS B 13 15.68 5.67 -2.87
CA LYS B 13 14.97 6.92 -2.58
C LYS B 13 14.60 6.99 -1.14
N LEU B 14 14.34 8.21 -0.69
CA LEU B 14 13.60 8.43 0.54
C LEU B 14 12.14 8.80 0.23
N LEU B 15 11.22 8.43 1.12
CA LEU B 15 9.85 8.90 0.98
C LEU B 15 9.50 9.90 2.07
N TYR B 16 9.40 11.14 1.66
CA TYR B 16 9.13 12.15 2.61
C TYR B 16 7.63 12.46 2.69
N CYS B 17 7.06 12.19 3.84
CA CYS B 17 5.65 12.42 4.04
C CYS B 17 5.42 13.86 4.34
N SER B 18 4.42 14.43 3.68
CA SER B 18 4.15 15.84 3.86
C SER B 18 3.53 16.19 5.22
N ASN B 19 2.84 15.23 5.83
CA ASN B 19 2.20 15.40 7.11
C ASN B 19 3.24 15.11 8.19
N GLY B 20 3.64 16.12 8.96
CA GLY B 20 4.68 15.90 9.98
C GLY B 20 6.13 15.97 9.55
N GLY B 21 6.42 15.65 8.30
CA GLY B 21 7.78 15.75 7.78
C GLY B 21 8.63 14.50 8.03
N HIS B 22 7.99 13.34 8.07
CA HIS B 22 8.66 12.08 8.32
C HIS B 22 8.94 11.32 7.02
N PHE B 23 10.09 10.64 6.99
CA PHE B 23 10.47 9.72 5.94
C PHE B 23 9.94 8.33 6.31
N LEU B 24 9.52 7.58 5.29
CA LEU B 24 8.95 6.29 5.52
C LEU B 24 10.09 5.36 5.94
N ARG B 25 9.84 4.52 6.94
CA ARG B 25 10.85 3.67 7.61
C ARG B 25 10.28 2.29 7.87
N ILE B 26 10.93 1.27 7.31
CA ILE B 26 10.67 -0.10 7.73
C ILE B 26 11.67 -0.56 8.76
N LEU B 27 11.20 -0.71 10.00
CA LEU B 27 12.09 -1.13 11.09
C LEU B 27 12.37 -2.62 11.09
N PRO B 28 13.52 -3.04 11.66
CA PRO B 28 13.79 -4.49 11.83
C PRO B 28 12.73 -5.30 12.62
N ASP B 29 11.95 -4.68 13.52
CA ASP B 29 10.89 -5.44 14.18
C ASP B 29 9.73 -5.82 13.22
N GLY B 30 9.79 -5.29 12.00
CA GLY B 30 8.77 -5.52 10.98
C GLY B 30 7.74 -4.41 10.95
N THR B 31 7.86 -3.51 11.91
CA THR B 31 7.05 -2.33 11.95
C THR B 31 7.40 -1.30 10.86
N VAL B 32 6.37 -0.56 10.44
CA VAL B 32 6.51 0.62 9.60
C VAL B 32 6.09 1.91 10.36
N ASP B 33 6.76 3.02 10.05
CA ASP B 33 6.53 4.30 10.69
C ASP B 33 7.36 5.37 10.01
N GLY B 34 7.41 6.56 10.59
CA GLY B 34 8.18 7.62 10.01
C GLY B 34 9.21 8.08 11.01
N THR B 35 10.34 8.55 10.48
CA THR B 35 11.31 9.27 11.29
C THR B 35 11.69 10.56 10.57
N ARG B 36 11.79 11.64 11.35
CA ARG B 36 12.30 12.92 10.84
C ARG B 36 13.82 12.90 10.54
N ASP B 37 14.55 11.99 11.19
CA ASP B 37 16.01 11.90 11.07
C ASP B 37 16.51 11.30 9.73
N ARG B 38 17.03 12.18 8.87
CA ARG B 38 17.46 11.82 7.51
C ARG B 38 18.66 10.89 7.51
N SER B 39 19.26 10.72 8.68
CA SER B 39 20.46 9.90 8.84
C SER B 39 20.14 8.50 9.27
N ASP B 40 18.90 8.28 9.69
CA ASP B 40 18.47 6.95 10.04
C ASP B 40 18.72 6.01 8.84
N GLN B 41 19.00 4.75 9.15
CA GLN B 41 19.51 3.82 8.17
C GLN B 41 18.42 2.93 7.53
N HIS B 42 17.24 2.88 8.13
CA HIS B 42 16.15 2.05 7.58
C HIS B 42 15.08 2.85 6.77
N ILE B 43 15.46 4.02 6.26
CA ILE B 43 14.59 4.81 5.38
C ILE B 43 15.08 4.87 3.95
N GLN B 44 16.21 4.25 3.67
CA GLN B 44 16.67 4.14 2.31
C GLN B 44 15.82 3.08 1.67
N LEU B 45 15.06 3.47 0.66
CA LEU B 45 14.12 2.57 0.07
C LEU B 45 14.54 2.28 -1.33
N GLN B 46 14.10 1.17 -1.85
CA GLN B 46 14.32 0.89 -3.25
C GLN B 46 12.96 0.72 -3.87
N LEU B 47 12.55 1.71 -4.64
CA LEU B 47 11.37 1.53 -5.49
C LEU B 47 11.75 0.74 -6.75
N SER B 48 10.98 -0.30 -7.07
CA SER B 48 11.09 -1.00 -8.38
C SER B 48 9.72 -1.32 -8.94
N ALA B 49 9.63 -1.50 -10.26
CA ALA B 49 8.33 -1.42 -10.92
C ALA B 49 7.98 -2.60 -11.80
N GLU B 50 6.86 -3.22 -11.43
CA GLU B 50 6.33 -4.41 -12.09
C GLU B 50 5.67 -4.03 -13.44
N SER B 51 4.73 -3.09 -13.38
CA SER B 51 4.13 -2.48 -14.54
C SER B 51 4.10 -1.00 -14.27
N VAL B 52 3.44 -0.27 -15.16
CA VAL B 52 3.47 1.18 -15.11
C VAL B 52 2.75 1.77 -13.87
N GLY B 53 3.51 2.44 -13.01
CA GLY B 53 2.94 3.07 -11.83
C GLY B 53 2.41 2.01 -10.87
N GLU B 54 2.85 0.77 -11.08
CA GLU B 54 2.72 -0.29 -10.08
C GLU B 54 4.10 -0.64 -9.50
N VAL B 55 4.35 -0.23 -8.24
CA VAL B 55 5.63 -0.50 -7.60
C VAL B 55 5.64 -1.51 -6.41
N TYR B 56 6.82 -2.11 -6.18
CA TYR B 56 7.21 -2.58 -4.84
C TYR B 56 8.15 -1.57 -4.12
N ILE B 57 8.03 -1.50 -2.81
CA ILE B 57 8.85 -0.61 -2.02
C ILE B 57 9.66 -1.41 -0.98
N LYS B 58 10.98 -1.44 -1.17
CA LYS B 58 11.88 -2.30 -0.40
C LYS B 58 12.81 -1.49 0.51
N SER B 59 13.02 -1.99 1.73
CA SER B 59 14.02 -1.43 2.69
C SER B 59 15.39 -1.95 2.36
N THR B 60 16.37 -1.07 2.07
CA THR B 60 17.69 -1.59 1.64
C THR B 60 18.53 -2.13 2.79
N GLU B 61 18.33 -1.58 4.00
CA GLU B 61 18.99 -2.10 5.20
C GLU B 61 18.50 -3.45 5.71
N THR B 62 17.21 -3.75 5.52
CA THR B 62 16.68 -5.03 5.99
C THR B 62 16.19 -5.97 4.90
N GLY B 63 15.97 -5.45 3.71
CA GLY B 63 15.49 -6.26 2.60
C GLY B 63 13.98 -6.54 2.64
N GLN B 64 13.29 -6.00 3.67
CA GLN B 64 11.82 -6.10 3.78
C GLN B 64 11.08 -5.27 2.71
N TYR B 65 9.94 -5.81 2.26
CA TYR B 65 9.03 -5.09 1.40
C TYR B 65 7.88 -4.54 2.19
N LEU B 66 7.47 -3.34 1.83
CA LEU B 66 6.32 -2.69 2.42
C LEU B 66 5.08 -3.41 1.94
N ALA B 67 4.14 -3.60 2.86
CA ALA B 67 2.96 -4.42 2.58
C ALA B 67 1.82 -3.95 3.43
N MET B 68 0.61 -4.29 2.97
CA MET B 68 -0.62 -4.01 3.70
C MET B 68 -1.42 -5.28 3.67
N ASP B 69 -1.95 -5.66 4.82
CA ASP B 69 -2.62 -6.95 4.98
C ASP B 69 -4.10 -6.91 4.56
N THR B 70 -4.89 -7.84 5.09
CA THR B 70 -6.32 -7.90 4.77
C THR B 70 -7.18 -6.93 5.61
N ASP B 71 -6.64 -6.40 6.71
CA ASP B 71 -7.34 -5.35 7.48
C ASP B 71 -6.71 -3.95 7.36
N GLY B 72 -5.71 -3.80 6.46
CA GLY B 72 -5.12 -2.51 6.14
C GLY B 72 -4.08 -1.92 7.09
N LEU B 73 -3.47 -2.76 7.95
CA LEU B 73 -2.27 -2.33 8.71
C LEU B 73 -1.01 -2.55 7.83
N LEU B 74 -0.04 -1.64 7.93
CA LEU B 74 1.21 -1.70 7.15
C LEU B 74 2.18 -2.60 7.84
N TYR B 75 2.93 -3.38 7.08
CA TYR B 75 3.95 -4.22 7.69
C TYR B 75 5.11 -4.44 6.72
N GLY B 76 6.24 -4.95 7.23
CA GLY B 76 7.31 -5.46 6.39
C GLY B 76 7.16 -6.93 6.10
N SER B 77 7.14 -7.30 4.82
CA SER B 77 7.09 -8.67 4.41
C SER B 77 8.48 -9.11 3.95
N GLN B 78 8.74 -10.41 4.01
CA GLN B 78 10.05 -10.95 3.71
C GLN B 78 10.18 -11.16 2.22
N THR B 79 9.04 -11.03 1.52
CA THR B 79 8.87 -11.54 0.18
C THR B 79 8.00 -10.61 -0.62
N PRO B 80 8.38 -10.31 -1.87
CA PRO B 80 7.50 -9.59 -2.75
C PRO B 80 6.31 -10.47 -3.12
N ASN B 81 5.15 -10.16 -2.55
CA ASN B 81 3.92 -10.81 -2.96
C ASN B 81 2.82 -9.80 -3.23
N GLU B 82 1.64 -10.33 -3.50
CA GLU B 82 0.51 -9.53 -3.89
C GLU B 82 0.26 -8.37 -2.93
N GLU B 83 0.40 -8.60 -1.63
CA GLU B 83 0.12 -7.57 -0.60
C GLU B 83 1.13 -6.43 -0.51
N CYS B 84 2.17 -6.50 -1.35
CA CYS B 84 3.28 -5.53 -1.37
C CYS B 84 3.25 -4.59 -2.57
N LEU B 85 2.30 -4.79 -3.46
CA LEU B 85 2.21 -4.04 -4.71
C LEU B 85 1.36 -2.80 -4.50
N PHE B 86 1.89 -1.65 -4.87
CA PHE B 86 1.14 -0.40 -4.67
C PHE B 86 1.00 0.40 -5.98
N LEU B 87 -0.15 1.04 -6.16
CA LEU B 87 -0.34 1.95 -7.26
C LEU B 87 0.25 3.31 -6.94
N GLU B 88 1.27 3.68 -7.71
CA GLU B 88 1.89 4.98 -7.56
C GLU B 88 1.25 6.04 -8.47
N ARG B 89 0.70 7.07 -7.85
CA ARG B 89 0.00 8.11 -8.59
C ARG B 89 0.51 9.46 -8.18
N LEU B 90 1.07 10.17 -9.15
CA LEU B 90 1.29 11.61 -9.09
C LEU B 90 0.03 12.30 -8.54
N GLU B 91 0.17 13.18 -7.57
CA GLU B 91 -1.02 13.73 -6.94
C GLU B 91 -1.14 15.23 -7.02
N GLU B 92 -1.06 15.78 -8.24
CA GLU B 92 -0.72 17.19 -8.41
C GLU B 92 0.39 17.41 -7.38
N ASN B 93 0.59 18.64 -6.88
CA ASN B 93 1.66 18.92 -5.90
C ASN B 93 2.99 18.20 -6.18
N HIS B 94 2.90 17.04 -6.83
CA HIS B 94 4.06 16.22 -7.29
C HIS B 94 4.71 15.33 -6.22
N TYR B 95 4.19 15.48 -5.02
CA TYR B 95 4.08 14.39 -4.13
C TYR B 95 3.35 13.22 -4.86
N ASN B 96 3.50 12.01 -4.33
CA ASN B 96 2.77 10.85 -4.82
C ASN B 96 1.87 10.32 -3.74
N THR B 97 0.87 9.55 -4.14
CA THR B 97 0.22 8.61 -3.23
C THR B 97 0.47 7.21 -3.69
N TYR B 98 0.42 6.30 -2.73
CA TYR B 98 0.60 4.91 -2.93
C TYR B 98 -0.57 4.20 -2.34
N ILE B 99 -1.24 3.44 -3.17
CA ILE B 99 -2.46 2.79 -2.84
C ILE B 99 -2.32 1.29 -2.92
N SER B 100 -2.76 0.59 -1.90
CA SER B 100 -2.81 -0.85 -1.93
C SER B 100 -3.35 -1.31 -3.26
N LYS B 101 -2.59 -2.07 -4.04
CA LYS B 101 -3.19 -2.64 -5.26
C LYS B 101 -4.24 -3.71 -4.96
N LYS B 102 -4.07 -4.43 -3.86
CA LYS B 102 -4.99 -5.47 -3.56
C LYS B 102 -6.30 -4.94 -3.02
N HIS B 103 -6.23 -3.82 -2.31
CA HIS B 103 -7.44 -3.24 -1.76
C HIS B 103 -7.71 -1.86 -2.34
N ALA B 104 -7.27 -1.63 -3.57
CA ALA B 104 -7.55 -0.35 -4.26
C ALA B 104 -9.02 0.08 -4.19
N GLU B 105 -9.91 -0.83 -4.57
CA GLU B 105 -11.37 -0.60 -4.51
C GLU B 105 -11.79 0.06 -3.19
N LYS B 106 -11.24 -0.46 -2.09
CA LYS B 106 -11.54 -0.01 -0.73
C LYS B 106 -10.94 1.33 -0.46
N ASN B 107 -9.95 1.72 -1.25
CA ASN B 107 -9.43 3.08 -1.19
C ASN B 107 -8.40 3.26 -0.04
N TRP B 108 -7.48 2.31 0.06
CA TRP B 108 -6.53 2.24 1.17
C TRP B 108 -5.13 2.66 0.80
N PHE B 109 -4.70 3.77 1.38
CA PHE B 109 -3.42 4.35 1.04
C PHE B 109 -2.33 4.04 2.06
N VAL B 110 -1.07 4.06 1.63
CA VAL B 110 0.04 4.14 2.55
C VAL B 110 -0.02 5.50 3.19
N GLY B 111 0.21 5.59 4.49
CA GLY B 111 -0.08 6.84 5.21
C GLY B 111 0.60 6.96 6.54
N LEU B 112 1.03 8.17 6.88
CA LEU B 112 1.63 8.43 8.20
C LEU B 112 0.82 9.46 8.94
N LYS B 113 0.66 9.27 10.24
CA LYS B 113 0.00 10.28 11.07
C LYS B 113 1.02 11.38 11.31
N LYS B 114 0.56 12.49 11.89
CA LYS B 114 1.41 13.63 12.21
C LYS B 114 2.55 13.28 13.18
N ASN B 115 2.27 12.39 14.13
CA ASN B 115 3.31 11.89 15.00
C ASN B 115 4.10 10.76 14.33
N GLY B 116 3.93 10.60 13.02
CA GLY B 116 4.79 9.68 12.28
C GLY B 116 4.56 8.23 12.61
N SER B 117 3.46 7.92 13.28
CA SER B 117 3.05 6.53 13.35
C SER B 117 2.16 6.19 12.16
N CYS B 118 2.31 4.93 11.74
CA CYS B 118 1.46 4.28 10.76
C CYS B 118 0.00 4.69 10.78
N LYS B 119 -0.60 4.73 9.61
CA LYS B 119 -2.04 4.88 9.52
C LYS B 119 -2.62 3.64 8.88
N ARG B 120 -3.75 3.16 9.42
CA ARG B 120 -4.44 2.01 8.88
C ARG B 120 -5.16 2.42 7.60
N GLY B 121 -5.18 1.49 6.63
CA GLY B 121 -5.77 1.72 5.32
C GLY B 121 -7.14 2.43 5.31
N PRO B 122 -8.08 1.97 6.18
CA PRO B 122 -9.39 2.63 6.25
C PRO B 122 -9.49 3.92 7.09
N ARG B 123 -8.38 4.46 7.58
CA ARG B 123 -8.46 5.84 8.10
C ARG B 123 -7.87 6.84 7.10
N THR B 124 -7.27 6.28 6.03
CA THR B 124 -6.64 7.10 5.00
C THR B 124 -7.70 7.39 4.04
N HIS B 125 -7.57 8.52 3.33
CA HIS B 125 -8.36 8.75 2.11
C HIS B 125 -7.83 9.92 1.29
N TYR B 126 -8.19 9.96 0.01
CA TYR B 126 -7.81 11.09 -0.85
C TYR B 126 -7.98 12.43 -0.15
N GLY B 127 -7.04 13.33 -0.40
CA GLY B 127 -7.12 14.67 0.11
C GLY B 127 -6.54 14.82 1.50
N GLN B 128 -6.13 13.72 2.13
CA GLN B 128 -5.42 13.82 3.43
C GLN B 128 -3.97 14.18 3.16
N LYS B 129 -3.32 14.91 4.05
CA LYS B 129 -1.88 15.15 3.89
C LYS B 129 -1.10 13.87 4.19
N ALA B 130 -1.66 13.09 5.10
CA ALA B 130 -1.13 11.81 5.54
C ALA B 130 -0.60 10.91 4.46
N ILE B 131 -1.16 11.03 3.25
CA ILE B 131 -0.90 10.04 2.18
C ILE B 131 0.00 10.52 1.06
N LEU B 132 0.53 11.73 1.19
CA LEU B 132 1.34 12.32 0.14
C LEU B 132 2.81 12.15 0.47
N PHE B 133 3.59 11.57 -0.46
CA PHE B 133 5.02 11.26 -0.27
C PHE B 133 5.83 11.80 -1.42
N LEU B 134 6.96 12.43 -1.12
CA LEU B 134 7.81 12.94 -2.16
C LEU B 134 8.98 11.98 -2.32
N PRO B 135 9.06 11.27 -3.45
CA PRO B 135 10.16 10.39 -3.75
C PRO B 135 11.46 11.15 -4.05
N LEU B 136 12.46 11.00 -3.18
CA LEU B 136 13.71 11.73 -3.33
C LEU B 136 14.83 10.81 -3.75
N PRO B 137 15.36 11.03 -4.95
CA PRO B 137 16.43 10.13 -5.36
C PRO B 137 17.70 10.24 -4.49
N VAL B 138 18.20 9.09 -4.02
CA VAL B 138 19.51 9.00 -3.36
C VAL B 138 20.62 8.99 -4.41
N LYS C 11 2.42 23.38 -12.37
CA LYS C 11 3.68 22.72 -12.77
C LYS C 11 3.40 21.51 -13.73
N PRO C 12 4.15 21.41 -14.84
CA PRO C 12 3.88 20.51 -16.00
C PRO C 12 3.77 19.02 -15.69
N LYS C 13 2.75 18.38 -16.27
CA LYS C 13 2.59 16.92 -16.20
C LYS C 13 2.64 16.30 -17.62
N LEU C 14 2.99 15.01 -17.70
CA LEU C 14 2.70 14.20 -18.88
C LEU C 14 1.45 13.39 -18.61
N LEU C 15 0.65 13.17 -19.66
CA LEU C 15 -0.45 12.22 -19.63
C LEU C 15 -0.10 11.00 -20.48
N TYR C 16 0.10 9.88 -19.80
CA TYR C 16 0.56 8.66 -20.47
C TYR C 16 -0.56 7.60 -20.60
N CYS C 17 -0.83 7.18 -21.82
CA CYS C 17 -1.96 6.33 -22.12
C CYS C 17 -1.50 4.89 -22.12
N SER C 18 -2.19 4.05 -21.34
CA SER C 18 -1.76 2.67 -21.10
C SER C 18 -1.92 1.84 -22.33
N ASN C 19 -2.71 2.37 -23.26
CA ASN C 19 -3.03 1.66 -24.49
C ASN C 19 -2.06 2.01 -25.58
N GLY C 20 -1.08 1.15 -25.80
CA GLY C 20 0.04 1.50 -26.70
C GLY C 20 1.19 2.16 -25.96
N GLY C 21 0.87 2.94 -24.94
CA GLY C 21 1.91 3.52 -24.09
C GLY C 21 2.45 4.84 -24.60
N HIS C 22 1.59 5.64 -25.20
CA HIS C 22 1.99 6.93 -25.74
C HIS C 22 1.74 8.01 -24.72
N PHE C 23 2.53 9.08 -24.81
CA PHE C 23 2.24 10.32 -24.10
C PHE C 23 1.42 11.24 -24.99
N LEU C 24 0.46 11.94 -24.37
CA LEU C 24 -0.45 12.79 -25.11
C LEU C 24 0.26 14.01 -25.65
N ARG C 25 0.17 14.21 -26.95
CA ARG C 25 0.84 15.33 -27.59
C ARG C 25 -0.10 16.31 -28.33
N ILE C 26 0.10 17.61 -28.07
CA ILE C 26 -0.50 18.61 -28.91
C ILE C 26 0.52 19.38 -29.71
N LEU C 27 0.60 19.00 -30.97
CA LEU C 27 1.41 19.71 -31.90
C LEU C 27 0.92 21.16 -32.12
N PRO C 28 1.84 22.07 -32.46
CA PRO C 28 1.45 23.49 -32.70
C PRO C 28 0.50 23.68 -33.87
N ASP C 29 0.48 22.75 -34.82
CA ASP C 29 -0.44 22.86 -35.95
C ASP C 29 -1.89 22.50 -35.60
N GLY C 30 -2.11 21.86 -34.47
CA GLY C 30 -3.45 21.52 -34.00
C GLY C 30 -3.65 20.03 -33.80
N THR C 31 -2.77 19.24 -34.39
CA THR C 31 -2.83 17.81 -34.31
C THR C 31 -2.70 17.33 -32.88
N VAL C 32 -3.38 16.23 -32.61
CA VAL C 32 -3.26 15.52 -31.36
C VAL C 32 -3.00 14.05 -31.67
N ASP C 33 -2.00 13.51 -31.02
CA ASP C 33 -1.62 12.14 -31.21
C ASP C 33 -0.89 11.74 -29.96
N GLY C 34 -0.21 10.61 -30.03
CA GLY C 34 0.57 10.10 -28.92
C GLY C 34 1.97 9.75 -29.32
N THR C 35 2.90 9.95 -28.40
CA THR C 35 4.29 9.69 -28.67
C THR C 35 4.93 8.99 -27.46
N ARG C 36 5.84 8.06 -27.75
CA ARG C 36 6.58 7.30 -26.75
C ARG C 36 7.83 8.02 -26.26
N ASP C 37 8.24 9.09 -26.97
CA ASP C 37 9.45 9.80 -26.57
C ASP C 37 9.17 10.74 -25.46
N ARG C 38 9.60 10.37 -24.26
CA ARG C 38 9.47 11.22 -23.12
C ARG C 38 10.12 12.61 -23.27
N SER C 39 10.99 12.78 -24.26
CA SER C 39 11.75 14.05 -24.47
C SER C 39 11.02 15.14 -25.28
N ASP C 40 10.04 14.71 -26.06
CA ASP C 40 9.22 15.63 -26.84
C ASP C 40 8.79 16.89 -26.05
N GLN C 41 8.78 18.01 -26.71
CA GLN C 41 8.52 19.29 -26.05
C GLN C 41 7.03 19.54 -26.05
N HIS C 42 6.30 18.75 -26.82
CA HIS C 42 4.88 18.97 -26.95
C HIS C 42 3.95 18.01 -26.19
N ILE C 43 4.48 17.34 -25.18
CA ILE C 43 3.68 16.39 -24.41
C ILE C 43 3.61 16.85 -22.96
N GLN C 44 4.39 17.89 -22.66
CA GLN C 44 4.30 18.53 -21.37
C GLN C 44 3.05 19.37 -21.25
N LEU C 45 2.10 18.90 -20.44
CA LEU C 45 0.83 19.61 -20.24
C LEU C 45 0.63 20.13 -18.83
N GLN C 46 -0.44 20.90 -18.71
CA GLN C 46 -0.76 21.61 -17.53
C GLN C 46 -2.28 21.55 -17.39
N LEU C 47 -2.74 20.96 -16.30
CA LEU C 47 -4.16 20.81 -16.04
C LEU C 47 -4.63 21.90 -15.12
N SER C 48 -5.66 22.63 -15.52
CA SER C 48 -6.25 23.63 -14.59
C SER C 48 -7.75 23.51 -14.48
N ALA C 49 -8.30 23.98 -13.37
CA ALA C 49 -9.76 23.88 -13.19
C ALA C 49 -10.46 25.07 -13.82
N GLU C 50 -11.63 24.85 -14.43
CA GLU C 50 -12.64 25.92 -14.50
C GLU C 50 -13.50 25.70 -13.29
N SER C 51 -14.75 25.24 -13.47
CA SER C 51 -15.59 24.82 -12.34
C SER C 51 -14.92 23.71 -11.49
N VAL C 52 -15.73 22.94 -10.78
CA VAL C 52 -15.24 21.87 -9.93
C VAL C 52 -15.49 20.55 -10.65
N GLY C 53 -14.42 19.77 -10.83
CA GLY C 53 -14.46 18.56 -11.66
C GLY C 53 -14.07 18.81 -13.12
N GLU C 54 -13.98 20.10 -13.47
CA GLU C 54 -13.76 20.55 -14.85
C GLU C 54 -12.29 20.87 -15.07
N VAL C 55 -11.71 20.39 -16.17
CA VAL C 55 -10.30 20.78 -16.51
C VAL C 55 -10.08 21.44 -17.87
N TYR C 56 -9.01 22.22 -17.97
CA TYR C 56 -8.43 22.61 -19.24
C TYR C 56 -7.15 21.86 -19.30
N ILE C 57 -6.88 21.27 -20.45
CA ILE C 57 -5.65 20.54 -20.68
C ILE C 57 -4.79 21.35 -21.65
N LYS C 58 -3.71 21.94 -21.15
CA LYS C 58 -3.00 23.02 -21.84
C LYS C 58 -1.60 22.57 -22.15
N SER C 59 -1.14 22.78 -23.38
CA SER C 59 0.26 22.62 -23.73
C SER C 59 1.08 23.79 -23.16
N THR C 60 2.21 23.46 -22.52
CA THR C 60 3.10 24.46 -21.90
C THR C 60 4.10 25.05 -22.89
N GLU C 61 4.46 24.26 -23.90
CA GLU C 61 5.22 24.76 -25.02
C GLU C 61 4.45 25.83 -25.83
N THR C 62 3.24 25.51 -26.27
CA THR C 62 2.48 26.42 -27.16
C THR C 62 1.42 27.29 -26.48
N GLY C 63 0.86 26.83 -25.36
CA GLY C 63 -0.25 27.52 -24.71
C GLY C 63 -1.56 27.07 -25.31
N GLN C 64 -1.51 26.07 -26.15
CA GLN C 64 -2.72 25.61 -26.78
C GLN C 64 -3.53 24.73 -25.83
N TYR C 65 -4.83 24.65 -26.10
CA TYR C 65 -5.78 23.82 -25.35
C TYR C 65 -6.19 22.54 -26.12
N LEU C 66 -6.32 21.43 -25.39
CA LEU C 66 -6.92 20.26 -25.99
C LEU C 66 -8.42 20.49 -26.05
N ALA C 67 -9.02 20.03 -27.14
CA ALA C 67 -10.38 20.29 -27.42
C ALA C 67 -10.95 19.18 -28.29
N MET C 68 -12.27 19.05 -28.27
CA MET C 68 -12.98 18.06 -29.08
C MET C 68 -14.12 18.70 -29.86
N ASP C 69 -14.08 18.56 -31.19
CA ASP C 69 -15.09 19.17 -32.05
C ASP C 69 -16.39 18.37 -32.06
N THR C 70 -17.41 18.93 -32.72
CA THR C 70 -18.70 18.26 -32.92
C THR C 70 -18.65 16.88 -33.63
N ASP C 71 -17.60 16.58 -34.39
CA ASP C 71 -17.39 15.23 -34.95
C ASP C 71 -16.65 14.32 -33.98
N GLY C 72 -16.09 14.91 -32.91
CA GLY C 72 -15.45 14.13 -31.81
C GLY C 72 -13.94 13.90 -31.93
N LEU C 73 -13.34 14.51 -32.95
CA LEU C 73 -11.89 14.53 -33.12
C LEU C 73 -11.25 15.48 -32.11
N LEU C 74 -10.01 15.16 -31.72
CA LEU C 74 -9.25 15.97 -30.77
C LEU C 74 -8.40 16.93 -31.56
N TYR C 75 -8.35 18.17 -31.10
CA TYR C 75 -7.51 19.16 -31.74
C TYR C 75 -6.93 20.12 -30.69
N GLY C 76 -5.91 20.88 -31.08
CA GLY C 76 -5.43 21.98 -30.28
C GLY C 76 -5.99 23.33 -30.71
N SER C 77 -6.39 24.13 -29.74
CA SER C 77 -7.04 25.38 -30.04
C SER C 77 -6.23 26.48 -29.43
N GLN C 78 -6.08 27.60 -30.14
CA GLN C 78 -5.25 28.68 -29.63
C GLN C 78 -5.97 29.45 -28.52
N THR C 79 -7.32 29.40 -28.54
CA THR C 79 -8.16 30.11 -27.57
C THR C 79 -9.05 29.14 -26.77
N PRO C 80 -9.14 29.38 -25.46
CA PRO C 80 -10.04 28.61 -24.60
C PRO C 80 -11.48 28.89 -24.98
N ASN C 81 -12.22 27.86 -25.30
CA ASN C 81 -13.63 27.98 -25.57
C ASN C 81 -14.35 26.77 -25.00
N GLU C 82 -15.62 26.62 -25.37
CA GLU C 82 -16.51 25.62 -24.75
C GLU C 82 -16.04 24.21 -25.04
N GLU C 83 -15.58 23.99 -26.27
CA GLU C 83 -15.09 22.67 -26.70
C GLU C 83 -13.78 22.21 -26.01
N CYS C 84 -13.28 22.99 -25.05
CA CYS C 84 -11.96 22.73 -24.44
C CYS C 84 -12.03 22.19 -23.01
N LEU C 85 -13.22 22.27 -22.46
CA LEU C 85 -13.54 21.77 -21.13
C LEU C 85 -13.70 20.22 -21.08
N PHE C 86 -13.07 19.59 -20.09
CA PHE C 86 -13.27 18.17 -19.87
C PHE C 86 -13.63 17.86 -18.42
N LEU C 87 -14.42 16.82 -18.25
CA LEU C 87 -14.71 16.30 -16.94
C LEU C 87 -13.63 15.27 -16.56
N GLU C 88 -12.97 15.50 -15.43
CA GLU C 88 -11.96 14.53 -14.97
C GLU C 88 -12.59 13.48 -14.07
N ARG C 89 -12.36 12.21 -14.39
CA ARG C 89 -12.72 11.16 -13.44
C ARG C 89 -11.69 10.08 -13.20
N LEU C 90 -11.46 9.80 -11.94
CA LEU C 90 -10.63 8.71 -11.51
C LEU C 90 -11.36 7.36 -11.63
N GLU C 91 -10.87 6.47 -12.50
CA GLU C 91 -11.48 5.13 -12.64
C GLU C 91 -10.94 4.05 -11.64
N GLU C 92 -11.31 2.78 -11.85
CA GLU C 92 -11.08 1.66 -10.87
C GLU C 92 -9.66 1.59 -10.28
N ASN C 93 -8.66 1.52 -11.16
CA ASN C 93 -7.27 1.43 -10.74
C ASN C 93 -6.62 2.79 -10.75
N HIS C 94 -7.41 3.80 -10.42
CA HIS C 94 -6.92 5.15 -10.21
C HIS C 94 -6.20 5.80 -11.41
N TYR C 95 -6.50 5.35 -12.64
CA TYR C 95 -6.17 6.14 -13.83
C TYR C 95 -7.18 7.26 -14.01
N ASN C 96 -6.79 8.30 -14.74
CA ASN C 96 -7.70 9.39 -15.05
C ASN C 96 -8.39 9.15 -16.35
N THR C 97 -9.66 9.53 -16.37
CA THR C 97 -10.37 9.69 -17.61
C THR C 97 -10.81 11.14 -17.74
N TYR C 98 -11.00 11.52 -18.97
CA TYR C 98 -11.33 12.86 -19.33
C TYR C 98 -12.46 12.81 -20.30
N ILE C 99 -13.51 13.50 -19.95
CA ILE C 99 -14.67 13.43 -20.77
C ILE C 99 -15.02 14.82 -21.25
N SER C 100 -15.50 14.88 -22.47
CA SER C 100 -15.83 16.13 -23.06
C SER C 100 -17.10 16.70 -22.46
N LYS C 101 -17.02 17.87 -21.87
CA LYS C 101 -18.14 18.49 -21.17
C LYS C 101 -19.29 18.83 -22.11
N LYS C 102 -19.00 19.57 -23.18
CA LYS C 102 -20.00 19.82 -24.24
C LYS C 102 -20.75 18.56 -24.66
N HIS C 103 -20.05 17.44 -24.74
CA HIS C 103 -20.69 16.20 -25.16
C HIS C 103 -20.83 15.22 -24.00
N ALA C 104 -20.86 15.75 -22.77
CA ALA C 104 -20.77 14.94 -21.55
C ALA C 104 -21.75 13.80 -21.60
N GLU C 105 -22.91 14.09 -22.17
CA GLU C 105 -24.03 13.17 -22.10
C GLU C 105 -23.90 12.02 -23.11
N LYS C 106 -22.94 12.12 -24.03
CA LYS C 106 -22.66 11.01 -24.93
C LYS C 106 -21.42 10.18 -24.49
N ASN C 107 -20.80 10.53 -23.36
CA ASN C 107 -19.60 9.79 -22.89
C ASN C 107 -18.53 9.70 -23.98
N TRP C 108 -18.11 10.88 -24.45
CA TRP C 108 -17.06 11.01 -25.46
C TRP C 108 -15.71 11.25 -24.75
N PHE C 109 -14.91 10.21 -24.71
CA PHE C 109 -13.62 10.25 -24.05
C PHE C 109 -12.52 10.82 -24.94
N VAL C 110 -11.55 11.48 -24.28
CA VAL C 110 -10.22 11.62 -24.87
C VAL C 110 -9.58 10.26 -24.97
N GLY C 111 -9.00 9.94 -26.11
CA GLY C 111 -8.56 8.56 -26.34
C GLY C 111 -7.47 8.53 -27.36
N LEU C 112 -6.54 7.62 -27.16
CA LEU C 112 -5.54 7.36 -28.14
C LEU C 112 -5.63 5.92 -28.53
N LYS C 113 -5.39 5.66 -29.81
CA LYS C 113 -5.38 4.31 -30.35
C LYS C 113 -4.09 3.58 -29.98
N LYS C 114 -4.04 2.28 -30.28
CA LYS C 114 -2.83 1.47 -30.05
C LYS C 114 -1.64 2.11 -30.73
N ASN C 115 -1.85 2.59 -31.95
CA ASN C 115 -0.76 3.00 -32.81
C ASN C 115 -0.25 4.40 -32.50
N GLY C 116 -1.07 5.16 -31.75
CA GLY C 116 -0.66 6.45 -31.21
C GLY C 116 -1.40 7.64 -31.79
N SER C 117 -2.57 7.37 -32.38
CA SER C 117 -3.37 8.43 -33.00
C SER C 117 -4.75 8.57 -32.37
N CYS C 118 -5.21 9.81 -32.21
CA CYS C 118 -6.53 10.10 -31.62
C CYS C 118 -7.66 9.10 -32.02
N LYS C 119 -8.43 8.71 -31.01
CA LYS C 119 -9.68 8.01 -31.21
C LYS C 119 -10.82 9.02 -31.05
N ARG C 120 -11.79 8.96 -31.94
CA ARG C 120 -12.94 9.85 -31.88
C ARG C 120 -13.82 9.57 -30.66
N GLY C 121 -14.36 10.61 -30.04
CA GLY C 121 -15.42 10.51 -29.00
C GLY C 121 -16.49 9.42 -29.19
N PRO C 122 -17.18 9.43 -30.34
CA PRO C 122 -18.07 8.35 -30.80
C PRO C 122 -17.52 6.94 -30.61
N ARG C 123 -16.23 6.76 -30.82
CA ARG C 123 -15.65 5.43 -30.72
C ARG C 123 -15.22 5.11 -29.29
N THR C 124 -15.05 6.13 -28.46
CA THR C 124 -14.67 5.88 -27.06
C THR C 124 -15.81 5.24 -26.25
N HIS C 125 -15.50 4.14 -25.56
CA HIS C 125 -16.38 3.55 -24.52
C HIS C 125 -15.57 3.28 -23.27
N TYR C 126 -16.21 3.38 -22.11
CA TYR C 126 -15.69 2.64 -20.98
C TYR C 126 -15.97 1.13 -21.23
N GLY C 127 -14.97 0.27 -21.02
CA GLY C 127 -13.66 0.65 -20.55
C GLY C 127 -12.66 0.09 -21.54
N GLN C 128 -12.26 0.93 -22.49
CA GLN C 128 -11.10 0.66 -23.33
C GLN C 128 -9.79 1.18 -22.65
N LYS C 129 -8.69 0.48 -22.94
CA LYS C 129 -7.37 0.92 -22.54
C LYS C 129 -7.06 2.31 -23.11
N ALA C 130 -7.63 2.61 -24.28
CA ALA C 130 -7.40 3.89 -25.00
C ALA C 130 -7.69 5.15 -24.18
N ILE C 131 -8.57 5.04 -23.19
CA ILE C 131 -9.03 6.20 -22.47
C ILE C 131 -8.37 6.32 -21.13
N LEU C 132 -7.38 5.47 -20.88
CA LEU C 132 -6.75 5.41 -19.54
C LEU C 132 -5.43 6.13 -19.54
N PHE C 133 -5.35 7.19 -18.75
CA PHE C 133 -4.16 8.04 -18.73
C PHE C 133 -3.52 8.10 -17.37
N LEU C 134 -2.24 7.81 -17.33
CA LEU C 134 -1.48 8.02 -16.13
C LEU C 134 -0.78 9.35 -16.18
N PRO C 135 -1.07 10.22 -15.20
CA PRO C 135 -0.30 11.45 -14.94
C PRO C 135 1.12 11.15 -14.41
N LEU C 136 2.13 11.72 -15.08
CA LEU C 136 3.53 11.47 -14.76
C LEU C 136 4.32 12.78 -14.61
N PRO C 137 5.40 12.73 -13.81
CA PRO C 137 6.38 13.82 -13.93
C PRO C 137 7.07 13.82 -15.30
N VAL C 138 7.64 14.96 -15.68
CA VAL C 138 8.47 15.02 -16.88
C VAL C 138 9.75 14.17 -16.74
N SER C 139 10.39 14.27 -15.56
CA SER C 139 11.55 13.42 -15.21
C SER C 139 12.76 13.66 -16.14
#